data_7NEK
#
_entry.id   7NEK
#
_cell.length_a   179.086
_cell.length_b   179.086
_cell.length_c   182.229
_cell.angle_alpha   90.00
_cell.angle_beta   90.00
_cell.angle_gamma   90.00
#
_symmetry.space_group_name_H-M   'I 41 2 2'
#
loop_
_entity.id
_entity.type
_entity.pdbx_description
1 polymer 'RagB SusD domain containing protein'
2 non-polymer GLYCEROL
3 water water
#
_entity_poly.entity_id   1
_entity_poly.type   'polypeptide(L)'
_entity_poly.pdbx_seq_one_letter_code
;HMDEQPRSSYDPTFFKTEKGVEGGVTSMYAHLRYIYGQAYYYNSCLTGTDEATWGWSADGNFKDADLSGVGNLTATTCRS
DALWGTAFSNINTANGVIENGAEVGVNESLVSEARFFRAFDYFLLVQTFGGVPLDLGSGELKFNITPSRTSVRNTVPEVY
TKAIFPDLLTAIENLPANPRVTGGVTKTVARLYLAKAYLTYAWWLKNPNNIPTYPECQRTDPNGHDAAWYFQQAYDVAVT
AIENPGPFGLQESFWMVNAGPNDRNMEILLYADHTQEDEYYNGGSLSYGGGGAPDNFAGWMMNWNYTDARSADNQAVINR
IAEQCYGRPWTRMAPPLGVFTKTFADKVNDSRYDGTFTTVYRGNWSTAGQNWESVTNANGMKVKEREPIFSFVFQDMDKI
DYAGEGSKSNLGAGTLPDRADWVLGLDAVGRYVYPGLWKLGPYRTDNGSGAGQPNAGSTRPYNIAKFSELYLVAAEAAVE
GAATQAGKSARDLVNVLRARAGRWTYSNAEYKEVDRDFSAEMTAATPATIDINYILDERSREFYGEGYRWFDLVRTQKWN
EYADSYVICGGKGDHNPQTYSRTIEAFHYLRPIPQGQLDGMEMTEEEKDAYQNPGYRD
;
_entity_poly.pdbx_strand_id   A
#
loop_
_chem_comp.id
_chem_comp.type
_chem_comp.name
_chem_comp.formula
GOL non-polymer GLYCEROL 'C3 H8 O3'
#
# COMPACT_ATOMS: atom_id res chain seq x y z
N HIS A 1 3.61 20.95 -13.85
CA HIS A 1 2.98 21.94 -12.93
C HIS A 1 3.02 21.42 -11.48
N MET A 2 2.82 22.34 -10.53
CA MET A 2 2.75 22.02 -9.10
C MET A 2 1.32 22.00 -8.58
N ASP A 3 0.59 23.08 -8.84
CA ASP A 3 -0.82 23.19 -8.48
C ASP A 3 -1.73 22.94 -9.70
N GLU A 4 -2.44 21.82 -9.67
CA GLU A 4 -3.31 21.38 -10.77
C GLU A 4 -4.66 22.11 -10.77
N GLN A 5 -5.14 22.45 -9.58
CA GLN A 5 -6.50 22.96 -9.33
C GLN A 5 -6.58 24.48 -9.50
N PRO A 6 -7.70 25.00 -10.08
CA PRO A 6 -7.77 26.44 -10.37
C PRO A 6 -8.14 27.25 -9.12
N ARG A 7 -7.56 28.45 -8.98
CA ARG A 7 -7.74 29.28 -7.77
C ARG A 7 -8.32 30.64 -8.09
N SER A 8 -9.29 31.04 -7.26
CA SER A 8 -10.01 32.30 -7.39
C SER A 8 -9.57 33.28 -6.31
N SER A 9 -9.59 34.56 -6.63
CA SER A 9 -9.22 35.61 -5.67
C SER A 9 -10.16 35.62 -4.45
N TYR A 10 -11.37 35.10 -4.63
CA TYR A 10 -12.35 34.99 -3.54
C TYR A 10 -12.21 33.74 -2.65
N ASP A 11 -11.33 32.83 -3.01
CA ASP A 11 -11.19 31.60 -2.22
C ASP A 11 -10.85 31.83 -0.73
N PRO A 12 -9.94 32.77 -0.40
CA PRO A 12 -9.67 33.06 1.02
C PRO A 12 -10.92 33.49 1.80
N THR A 13 -11.81 34.27 1.18
CA THR A 13 -13.08 34.66 1.80
C THR A 13 -14.02 33.46 1.90
N PHE A 14 -14.07 32.64 0.86
CA PHE A 14 -14.83 31.40 0.88
C PHE A 14 -14.41 30.56 2.09
N PHE A 15 -13.10 30.44 2.32
CA PHE A 15 -12.57 29.63 3.43
C PHE A 15 -12.67 30.31 4.81
N LYS A 16 -13.28 31.48 4.88
CA LYS A 16 -13.73 32.08 6.12
C LYS A 16 -15.19 31.73 6.44
N THR A 17 -15.72 30.71 5.76
CA THR A 17 -17.03 30.17 6.06
C THR A 17 -16.87 28.70 6.39
N GLU A 18 -17.79 28.18 7.18
CA GLU A 18 -17.81 26.78 7.52
C GLU A 18 -18.11 25.91 6.30
N LYS A 19 -19.02 26.35 5.43
CA LYS A 19 -19.30 25.62 4.18
C LYS A 19 -18.12 25.59 3.20
N GLY A 20 -17.32 26.65 3.20
CA GLY A 20 -16.08 26.67 2.44
C GLY A 20 -15.02 25.75 3.01
N VAL A 21 -14.92 25.73 4.33
CA VAL A 21 -13.99 24.84 5.00
C VAL A 21 -14.38 23.39 4.70
N GLU A 22 -15.67 23.07 4.79
CA GLU A 22 -16.15 21.73 4.44
C GLU A 22 -15.86 21.37 2.98
N GLY A 23 -16.12 22.31 2.09
CA GLY A 23 -15.81 22.15 0.68
C GLY A 23 -14.38 21.70 0.49
N GLY A 24 -13.46 22.47 1.04
CA GLY A 24 -12.05 22.16 0.99
C GLY A 24 -11.75 20.83 1.60
N VAL A 25 -12.29 20.59 2.79
CA VAL A 25 -12.04 19.32 3.49
C VAL A 25 -12.54 18.12 2.68
N THR A 26 -13.69 18.23 2.03
CA THR A 26 -14.18 17.07 1.30
C THR A 26 -13.36 16.83 0.03
N SER A 27 -12.77 17.87 -0.56
CA SER A 27 -11.86 17.67 -1.69
C SER A 27 -10.59 16.96 -1.27
N MET A 28 -10.25 17.05 0.00
CA MET A 28 -9.12 16.33 0.56
C MET A 28 -9.38 14.83 0.63
N TYR A 29 -10.59 14.45 1.03
CA TYR A 29 -10.97 13.03 0.98
C TYR A 29 -10.89 12.53 -0.46
N ALA A 30 -11.36 13.36 -1.39
CA ALA A 30 -11.28 13.07 -2.82
C ALA A 30 -9.85 12.85 -3.30
N HIS A 31 -8.90 13.62 -2.78
CA HIS A 31 -7.52 13.56 -3.30
C HIS A 31 -6.89 12.17 -3.07
N LEU A 32 -7.35 11.47 -2.02
CA LEU A 32 -6.88 10.12 -1.72
C LEU A 32 -7.13 9.12 -2.85
N ARG A 33 -8.18 9.36 -3.62
CA ARG A 33 -8.56 8.47 -4.73
C ARG A 33 -7.61 8.56 -5.93
N TYR A 34 -6.85 9.64 -6.02
CA TYR A 34 -5.85 9.81 -7.09
C TYR A 34 -4.51 9.16 -6.77
N ILE A 35 -4.34 8.72 -5.53
CA ILE A 35 -3.11 8.09 -5.08
C ILE A 35 -3.34 6.63 -4.71
N TYR A 36 -4.26 6.39 -3.78
CA TYR A 36 -4.52 5.07 -3.23
C TYR A 36 -5.52 4.29 -4.09
N GLY A 37 -4.99 3.30 -4.81
CA GLY A 37 -5.73 2.58 -5.84
C GLY A 37 -5.17 2.86 -7.23
N GLN A 38 -4.41 3.93 -7.35
CA GLN A 38 -3.82 4.27 -8.62
C GLN A 38 -2.71 3.26 -8.85
N ALA A 39 -2.73 2.58 -9.99
CA ALA A 39 -1.90 1.39 -10.15
C ALA A 39 -0.43 1.70 -10.33
N TYR A 40 -0.13 2.78 -11.05
CA TYR A 40 1.26 3.14 -11.32
C TYR A 40 1.96 3.71 -10.08
N TYR A 41 1.27 4.51 -9.28
CA TYR A 41 1.81 4.95 -7.99
C TYR A 41 2.03 3.74 -7.08
N TYR A 42 1.02 2.88 -6.99
CA TYR A 42 1.09 1.61 -6.26
C TYR A 42 2.39 0.85 -6.59
N ASN A 43 2.65 0.72 -7.89
CA ASN A 43 3.92 0.19 -8.42
C ASN A 43 5.15 0.80 -7.75
N SER A 44 5.18 2.13 -7.69
CA SER A 44 6.30 2.87 -7.16
C SER A 44 6.56 2.58 -5.68
N CYS A 45 5.56 2.08 -4.97
CA CYS A 45 5.65 1.76 -3.55
C CYS A 45 6.11 0.34 -3.26
N LEU A 46 6.17 -0.52 -4.28
CA LEU A 46 6.34 -1.98 -4.11
C LEU A 46 7.40 -2.64 -5.00
N THR A 47 7.33 -2.36 -6.30
CA THR A 47 8.28 -2.91 -7.24
C THR A 47 9.68 -2.43 -6.89
N GLY A 48 10.66 -3.31 -7.04
CA GLY A 48 12.04 -3.02 -6.66
C GLY A 48 12.36 -3.32 -5.20
N THR A 49 11.38 -3.84 -4.45
CA THR A 49 11.58 -4.27 -3.08
C THR A 49 11.54 -5.79 -3.08
N ASP A 50 11.49 -6.38 -1.88
CA ASP A 50 11.34 -7.84 -1.74
C ASP A 50 9.94 -8.33 -2.05
N GLU A 51 8.95 -7.45 -2.00
CA GLU A 51 7.54 -7.84 -2.16
C GLU A 51 7.09 -7.96 -3.61
N ALA A 52 7.81 -7.33 -4.54
CA ALA A 52 7.41 -7.32 -5.94
C ALA A 52 8.55 -7.08 -6.93
N THR A 53 8.53 -7.86 -8.01
CA THR A 53 9.35 -7.62 -9.21
C THR A 53 8.39 -7.50 -10.39
N TRP A 54 8.94 -7.25 -11.59
CA TRP A 54 8.11 -7.11 -12.78
C TRP A 54 7.46 -8.43 -13.19
N GLY A 55 6.23 -8.34 -13.68
CA GLY A 55 5.45 -9.50 -14.14
C GLY A 55 5.49 -9.61 -15.64
N TRP A 56 5.16 -10.80 -16.15
CA TRP A 56 5.32 -11.13 -17.58
C TRP A 56 4.87 -10.03 -18.56
N SER A 57 3.72 -9.43 -18.30
CA SER A 57 3.15 -8.40 -19.20
C SER A 57 3.62 -6.98 -18.86
N ALA A 58 4.72 -6.89 -18.11
CA ALA A 58 5.19 -5.61 -17.58
C ALA A 58 5.61 -4.57 -18.62
N ASP A 59 5.25 -3.35 -18.29
CA ASP A 59 5.54 -2.13 -19.02
C ASP A 59 6.88 -1.56 -18.60
N GLY A 60 7.25 -0.45 -19.21
CA GLY A 60 8.39 0.32 -18.73
C GLY A 60 8.17 0.76 -17.29
N ASN A 61 6.96 1.20 -16.99
CA ASN A 61 6.65 1.67 -15.65
C ASN A 61 7.09 0.72 -14.56
N PHE A 62 6.93 -0.57 -14.82
CA PHE A 62 7.18 -1.58 -13.79
C PHE A 62 8.62 -2.10 -13.89
N LYS A 63 9.10 -2.26 -15.13
CA LYS A 63 10.50 -2.65 -15.37
C LYS A 63 11.50 -1.59 -14.86
N ASP A 64 11.29 -0.33 -15.24
CA ASP A 64 12.13 0.78 -14.77
C ASP A 64 12.18 0.84 -13.24
N ALA A 65 11.05 0.55 -12.59
CA ALA A 65 10.94 0.62 -11.12
C ALA A 65 11.67 -0.51 -10.36
N ASP A 66 11.91 -1.63 -11.03
CA ASP A 66 12.50 -2.80 -10.38
C ASP A 66 14.02 -2.70 -10.16
N LEU A 67 14.65 -1.74 -10.83
CA LEU A 67 16.09 -1.48 -10.66
C LEU A 67 16.87 -2.78 -10.78
N SER A 68 16.61 -3.54 -11.84
CA SER A 68 17.15 -4.89 -12.00
C SER A 68 17.73 -5.11 -13.40
N GLY A 69 18.16 -4.02 -14.04
CA GLY A 69 18.85 -4.09 -15.32
C GLY A 69 17.96 -4.35 -16.51
N VAL A 70 16.66 -4.06 -16.37
CA VAL A 70 15.67 -4.19 -17.45
C VAL A 70 14.94 -2.88 -17.71
N GLY A 71 15.50 -1.79 -17.21
CA GLY A 71 14.89 -0.47 -17.34
C GLY A 71 15.76 0.63 -16.78
N ASN A 72 15.23 1.85 -16.80
CA ASN A 72 15.92 3.02 -16.27
C ASN A 72 15.05 3.87 -15.37
N LEU A 73 15.46 4.10 -14.14
CA LEU A 73 14.68 4.93 -13.25
C LEU A 73 15.20 6.35 -13.32
N THR A 74 14.41 7.23 -13.92
CA THR A 74 14.81 8.63 -14.15
C THR A 74 13.70 9.58 -13.75
N ALA A 75 13.95 10.88 -13.92
CA ALA A 75 12.98 11.93 -13.63
C ALA A 75 11.77 11.94 -14.57
N THR A 76 11.81 11.16 -15.64
CA THR A 76 10.65 11.01 -16.52
C THR A 76 9.92 9.67 -16.38
N THR A 77 10.56 8.69 -15.73
CA THR A 77 10.01 7.33 -15.67
C THR A 77 9.57 6.85 -14.29
N CYS A 78 9.90 7.57 -13.22
CA CYS A 78 9.46 7.14 -11.90
C CYS A 78 8.01 7.52 -11.68
N ARG A 79 7.24 6.55 -11.20
CA ARG A 79 5.81 6.75 -10.98
C ARG A 79 5.50 7.34 -9.59
N SER A 80 6.58 7.69 -8.88
CA SER A 80 6.53 8.68 -7.81
C SER A 80 5.84 9.97 -8.27
N ASP A 81 5.93 10.28 -9.56
CA ASP A 81 5.43 11.55 -10.11
C ASP A 81 3.93 11.80 -9.96
N ALA A 82 3.15 10.72 -9.81
CA ALA A 82 1.71 10.84 -9.53
C ALA A 82 1.45 11.55 -8.21
N LEU A 83 2.33 11.33 -7.24
CA LEU A 83 2.20 11.93 -5.93
C LEU A 83 2.39 13.46 -5.90
N TRP A 84 3.26 13.98 -6.76
CA TRP A 84 3.73 15.37 -6.66
C TRP A 84 2.60 16.39 -6.82
N GLY A 85 2.05 16.52 -8.02
CA GLY A 85 0.96 17.46 -8.28
C GLY A 85 -0.29 17.22 -7.44
N THR A 86 -0.61 15.96 -7.19
CA THR A 86 -1.76 15.61 -6.39
C THR A 86 -1.60 16.16 -4.98
N ALA A 87 -0.47 15.85 -4.35
CA ALA A 87 -0.21 16.27 -2.95
C ALA A 87 -0.11 17.77 -2.80
N PHE A 88 0.57 18.44 -3.73
CA PHE A 88 0.77 19.89 -3.61
C PHE A 88 -0.53 20.66 -3.84
N SER A 89 -1.38 20.17 -4.74
CA SER A 89 -2.70 20.77 -4.94
C SER A 89 -3.49 20.70 -3.64
N ASN A 90 -3.46 19.54 -3.01
CA ASN A 90 -4.19 19.33 -1.78
C ASN A 90 -3.65 20.22 -0.65
N ILE A 91 -2.32 20.27 -0.54
CA ILE A 91 -1.62 21.07 0.45
C ILE A 91 -2.02 22.55 0.33
N ASN A 92 -2.01 23.07 -0.90
CA ASN A 92 -2.36 24.46 -1.13
C ASN A 92 -3.80 24.66 -0.63
N THR A 93 -4.70 23.76 -1.00
CA THR A 93 -6.08 23.83 -0.53
C THR A 93 -6.13 23.83 1.00
N ALA A 94 -5.37 22.94 1.63
CA ALA A 94 -5.29 22.91 3.09
C ALA A 94 -4.74 24.22 3.67
N ASN A 95 -3.74 24.81 3.02
CA ASN A 95 -3.19 26.09 3.47
C ASN A 95 -4.28 27.13 3.55
N GLY A 96 -5.08 27.20 2.50
CA GLY A 96 -6.18 28.17 2.47
C GLY A 96 -7.22 27.90 3.53
N VAL A 97 -7.59 26.65 3.69
CA VAL A 97 -8.58 26.31 4.69
C VAL A 97 -8.08 26.66 6.06
N ILE A 98 -6.85 26.31 6.34
CA ILE A 98 -6.29 26.50 7.66
C ILE A 98 -6.03 27.95 8.05
N GLU A 99 -5.40 28.74 7.19
CA GLU A 99 -5.12 30.10 7.61
C GLU A 99 -6.39 30.93 7.74
N ASN A 100 -7.33 30.77 6.82
CA ASN A 100 -8.54 31.57 6.84
C ASN A 100 -9.59 31.07 7.82
N GLY A 101 -9.67 29.76 7.98
CA GLY A 101 -10.61 29.17 8.90
C GLY A 101 -10.21 29.44 10.33
N ALA A 102 -8.92 29.25 10.63
CA ALA A 102 -8.40 29.52 11.97
C ALA A 102 -8.44 31.00 12.29
N GLU A 103 -8.15 31.86 11.30
CA GLU A 103 -8.16 33.31 11.51
C GLU A 103 -9.51 33.78 12.05
N VAL A 104 -10.57 33.20 11.53
CA VAL A 104 -11.95 33.66 11.74
C VAL A 104 -12.68 32.82 12.81
N GLY A 105 -12.11 31.70 13.23
CA GLY A 105 -12.73 30.90 14.28
C GLY A 105 -13.66 29.81 13.80
N VAL A 106 -13.50 29.39 12.54
CA VAL A 106 -14.29 28.28 12.03
C VAL A 106 -13.91 27.07 12.86
N ASN A 107 -14.91 26.28 13.21
CA ASN A 107 -14.77 25.14 14.09
C ASN A 107 -13.47 24.36 13.92
N GLU A 108 -12.67 24.28 14.97
CA GLU A 108 -11.38 23.65 14.85
C GLU A 108 -11.49 22.14 14.69
N SER A 109 -12.59 21.54 15.10
CA SER A 109 -12.76 20.10 14.87
C SER A 109 -12.69 19.78 13.42
N LEU A 110 -13.31 20.65 12.61
CA LEU A 110 -13.37 20.48 11.19
C LEU A 110 -12.08 20.94 10.53
N VAL A 111 -11.54 22.08 10.97
CA VAL A 111 -10.30 22.63 10.41
C VAL A 111 -9.13 21.67 10.61
N SER A 112 -9.13 20.99 11.75
CA SER A 112 -8.09 20.02 12.07
C SER A 112 -8.06 18.80 11.13
N GLU A 113 -9.16 18.52 10.42
CA GLU A 113 -9.14 17.50 9.37
C GLU A 113 -8.18 17.95 8.28
N ALA A 114 -8.22 19.23 7.95
CA ALA A 114 -7.30 19.79 6.98
C ALA A 114 -5.86 19.85 7.52
N ARG A 115 -5.72 20.11 8.81
CA ARG A 115 -4.41 20.05 9.43
C ARG A 115 -3.82 18.66 9.24
N PHE A 116 -4.61 17.63 9.54
CA PHE A 116 -4.18 16.25 9.36
C PHE A 116 -3.72 16.00 7.93
N PHE A 117 -4.56 16.37 6.96
CA PHE A 117 -4.27 16.05 5.56
C PHE A 117 -3.03 16.75 5.05
N ARG A 118 -2.80 17.97 5.53
CA ARG A 118 -1.60 18.68 5.17
C ARG A 118 -0.32 17.99 5.70
N ALA A 119 -0.36 17.54 6.94
CA ALA A 119 0.72 16.74 7.50
C ALA A 119 0.92 15.45 6.71
N PHE A 120 -0.19 14.73 6.53
CA PHE A 120 -0.25 13.49 5.73
C PHE A 120 0.44 13.62 4.37
N ASP A 121 0.05 14.64 3.60
CA ASP A 121 0.65 14.89 2.29
C ASP A 121 2.15 15.17 2.39
N TYR A 122 2.54 16.05 3.32
CA TYR A 122 3.95 16.40 3.49
C TYR A 122 4.78 15.21 3.99
N PHE A 123 4.18 14.32 4.77
CA PHE A 123 4.88 13.11 5.22
C PHE A 123 5.15 12.13 4.05
N LEU A 124 4.25 12.09 3.07
CA LEU A 124 4.50 11.26 1.90
C LEU A 124 5.58 11.88 1.03
N LEU A 125 5.43 13.17 0.75
CA LEU A 125 6.41 13.91 -0.02
C LEU A 125 7.83 13.84 0.57
N VAL A 126 7.95 14.06 1.88
CA VAL A 126 9.27 14.16 2.52
C VAL A 126 10.03 12.85 2.45
N GLN A 127 9.35 11.73 2.63
CA GLN A 127 9.97 10.40 2.53
C GLN A 127 10.36 10.06 1.10
N THR A 128 9.50 10.43 0.16
CA THR A 128 9.63 10.08 -1.24
C THR A 128 10.71 10.92 -1.94
N PHE A 129 10.67 12.23 -1.72
CA PHE A 129 11.49 13.17 -2.49
C PHE A 129 12.60 13.86 -1.70
N GLY A 130 12.57 13.70 -0.37
CA GLY A 130 13.40 14.49 0.52
C GLY A 130 12.76 15.83 0.83
N GLY A 131 13.58 16.83 1.12
CA GLY A 131 13.04 18.15 1.42
C GLY A 131 12.22 18.66 0.26
N VAL A 132 11.11 19.33 0.56
CA VAL A 132 10.21 19.89 -0.47
C VAL A 132 9.72 21.27 -0.05
N PRO A 133 9.21 22.07 -1.00
CA PRO A 133 8.83 23.44 -0.70
C PRO A 133 7.70 23.56 0.31
N LEU A 134 7.90 24.42 1.30
CA LEU A 134 6.86 24.86 2.20
C LEU A 134 6.25 26.17 1.71
N ASP A 135 6.90 26.82 0.75
CA ASP A 135 6.44 28.07 0.19
C ASP A 135 6.04 27.83 -1.25
N LEU A 136 4.76 28.09 -1.56
CA LEU A 136 4.20 27.79 -2.88
C LEU A 136 4.05 29.04 -3.73
N GLY A 137 4.53 30.18 -3.21
CA GLY A 137 4.52 31.46 -3.92
C GLY A 137 4.04 32.64 -3.10
N SER A 138 3.62 32.41 -1.85
CA SER A 138 3.02 33.45 -0.99
C SER A 138 3.45 33.36 0.47
N GLY A 139 4.52 32.60 0.74
CA GLY A 139 5.02 32.40 2.08
C GLY A 139 4.86 30.98 2.55
N GLU A 140 5.57 30.64 3.62
CA GLU A 140 5.54 29.29 4.16
C GLU A 140 4.18 28.96 4.67
N LEU A 141 3.66 27.85 4.17
CA LEU A 141 2.37 27.29 4.57
C LEU A 141 1.21 28.25 4.33
N LYS A 142 1.38 29.10 3.31
CA LYS A 142 0.40 30.10 2.95
C LYS A 142 -0.29 29.72 1.66
N PHE A 143 -1.57 30.05 1.58
CA PHE A 143 -2.38 29.79 0.41
C PHE A 143 -1.83 30.59 -0.75
N ASN A 144 -1.63 29.93 -1.89
CA ASN A 144 -1.14 30.56 -3.09
C ASN A 144 -2.18 30.52 -4.19
N ILE A 145 -2.51 31.68 -4.75
CA ILE A 145 -3.55 31.81 -5.76
C ILE A 145 -2.99 31.70 -7.17
N THR A 146 -2.18 32.68 -7.57
CA THR A 146 -1.51 32.67 -8.88
C THR A 146 -0.20 31.90 -8.76
N PRO A 147 -0.04 30.78 -9.52
CA PRO A 147 1.15 29.93 -9.37
C PRO A 147 2.46 30.67 -9.66
N SER A 148 3.49 30.32 -8.89
CA SER A 148 4.81 30.90 -9.05
C SER A 148 5.53 30.11 -10.13
N ARG A 149 6.46 30.80 -10.81
CA ARG A 149 7.31 30.20 -11.82
C ARG A 149 8.62 29.71 -11.21
N THR A 150 8.78 29.95 -9.90
CA THR A 150 9.96 29.58 -9.14
C THR A 150 9.57 28.90 -7.83
N SER A 151 10.43 28.00 -7.36
CA SER A 151 10.19 27.20 -6.17
C SER A 151 11.52 26.99 -5.42
N VAL A 152 11.45 26.91 -4.09
CA VAL A 152 12.61 26.61 -3.25
C VAL A 152 12.28 25.47 -2.31
N ARG A 153 13.14 24.46 -2.30
CA ARG A 153 12.97 23.28 -1.47
C ARG A 153 13.52 23.50 -0.08
N ASN A 154 12.68 23.28 0.92
CA ASN A 154 13.11 23.31 2.31
C ASN A 154 13.81 22.01 2.65
N THR A 155 14.43 21.93 3.83
CA THR A 155 15.16 20.74 4.28
C THR A 155 14.18 19.79 4.93
N VAL A 156 14.60 18.53 5.09
CA VAL A 156 13.76 17.51 5.69
C VAL A 156 13.32 17.88 7.12
N PRO A 157 14.26 18.29 7.99
CA PRO A 157 13.89 18.69 9.35
C PRO A 157 12.93 19.88 9.39
N GLU A 158 13.05 20.81 8.44
CA GLU A 158 12.12 21.92 8.33
C GLU A 158 10.69 21.45 8.02
N VAL A 159 10.56 20.50 7.08
CA VAL A 159 9.25 19.94 6.76
C VAL A 159 8.64 19.22 7.98
N TYR A 160 9.41 18.36 8.64
CA TYR A 160 8.94 17.67 9.85
C TYR A 160 8.56 18.62 10.99
N THR A 161 9.44 19.57 11.29
CA THR A 161 9.25 20.48 12.39
C THR A 161 8.29 21.61 12.09
N LYS A 162 8.40 22.18 10.90
CA LYS A 162 7.51 23.27 10.55
C LYS A 162 6.11 22.81 10.15
N ALA A 163 5.99 21.70 9.45
CA ALA A 163 4.69 21.32 8.90
C ALA A 163 4.08 20.09 9.54
N ILE A 164 4.78 18.98 9.53
CA ILE A 164 4.17 17.76 9.98
C ILE A 164 3.84 17.68 11.48
N PHE A 165 4.77 17.99 12.37
CA PHE A 165 4.49 17.76 13.80
C PHE A 165 3.45 18.67 14.41
N PRO A 166 3.54 19.96 14.15
CA PRO A 166 2.60 20.90 14.77
C PRO A 166 1.17 20.67 14.33
N ASP A 167 0.98 20.39 13.05
CA ASP A 167 -0.35 20.09 12.51
C ASP A 167 -1.02 18.88 13.17
N LEU A 168 -0.28 17.77 13.26
CA LEU A 168 -0.79 16.53 13.84
C LEU A 168 -1.05 16.67 15.32
N LEU A 169 -0.16 17.36 16.03
CA LEU A 169 -0.36 17.60 17.45
C LEU A 169 -1.64 18.40 17.70
N THR A 170 -1.88 19.42 16.87
CA THR A 170 -3.10 20.21 17.00
C THR A 170 -4.32 19.37 16.63
N ALA A 171 -4.20 18.61 15.54
CA ALA A 171 -5.26 17.74 15.09
C ALA A 171 -5.69 16.75 16.17
N ILE A 172 -4.74 16.17 16.87
CA ILE A 172 -5.04 15.22 17.94
C ILE A 172 -5.84 15.86 19.08
N GLU A 173 -5.53 17.12 19.40
CA GLU A 173 -6.26 17.84 20.43
C GLU A 173 -7.73 18.08 20.05
N ASN A 174 -7.97 18.34 18.77
CA ASN A 174 -9.26 18.86 18.32
C ASN A 174 -10.15 17.89 17.52
N LEU A 175 -9.57 16.84 16.94
CA LEU A 175 -10.33 15.89 16.12
C LEU A 175 -11.27 15.08 16.99
N PRO A 176 -12.38 14.61 16.42
CA PRO A 176 -13.28 13.75 17.17
C PRO A 176 -12.68 12.36 17.34
N ALA A 177 -13.14 11.64 18.36
CA ALA A 177 -12.82 10.22 18.55
C ALA A 177 -13.44 9.40 17.41
N ASN A 178 -14.72 9.63 17.16
CA ASN A 178 -15.49 8.88 16.16
C ASN A 178 -15.58 9.68 14.87
N PRO A 179 -15.52 9.01 13.70
CA PRO A 179 -15.58 9.76 12.43
C PRO A 179 -16.82 10.62 12.27
N ARG A 180 -16.60 11.87 11.87
CA ARG A 180 -17.68 12.84 11.54
C ARG A 180 -18.46 12.40 10.30
N VAL A 181 -17.73 11.84 9.34
CA VAL A 181 -18.26 11.31 8.07
C VAL A 181 -17.52 10.01 7.76
N THR A 182 -17.99 9.25 6.77
CA THR A 182 -17.50 7.89 6.58
C THR A 182 -16.10 7.94 6.06
N GLY A 183 -15.24 7.13 6.66
CA GLY A 183 -13.80 7.16 6.38
C GLY A 183 -13.13 8.38 6.99
N GLY A 184 -13.85 9.10 7.84
CA GLY A 184 -13.41 10.39 8.33
C GLY A 184 -12.27 10.26 9.30
N VAL A 185 -11.45 11.31 9.35
CA VAL A 185 -10.25 11.28 10.18
C VAL A 185 -10.62 11.50 11.65
N THR A 186 -9.85 10.84 12.52
CA THR A 186 -10.09 10.80 13.95
C THR A 186 -8.76 11.04 14.67
N LYS A 187 -8.83 11.24 15.98
CA LYS A 187 -7.63 11.29 16.81
C LYS A 187 -6.72 10.09 16.53
N THR A 188 -7.29 8.90 16.42
CA THR A 188 -6.50 7.69 16.27
C THR A 188 -5.61 7.67 15.02
N VAL A 189 -6.13 8.13 13.87
CA VAL A 189 -5.33 8.15 12.64
C VAL A 189 -4.29 9.27 12.69
N ALA A 190 -4.63 10.37 13.35
CA ALA A 190 -3.68 11.46 13.55
C ALA A 190 -2.53 11.01 14.45
N ARG A 191 -2.85 10.30 15.53
CA ARG A 191 -1.85 9.69 16.41
C ARG A 191 -0.99 8.69 15.66
N LEU A 192 -1.60 7.83 14.84
CA LEU A 192 -0.82 6.85 14.07
C LEU A 192 0.23 7.54 13.22
N TYR A 193 -0.18 8.54 12.46
CA TYR A 193 0.73 9.23 11.52
C TYR A 193 1.76 10.12 12.25
N LEU A 194 1.39 10.67 13.40
CA LEU A 194 2.38 11.35 14.23
C LEU A 194 3.46 10.38 14.72
N ALA A 195 3.03 9.22 15.23
CA ALA A 195 3.96 8.20 15.71
C ALA A 195 4.87 7.74 14.58
N LYS A 196 4.31 7.53 13.39
CA LYS A 196 5.09 7.13 12.22
C LYS A 196 6.08 8.21 11.83
N ALA A 197 5.62 9.45 11.84
CA ALA A 197 6.45 10.59 11.48
C ALA A 197 7.62 10.76 12.45
N TYR A 198 7.35 10.66 13.75
CA TYR A 198 8.40 10.67 14.77
C TYR A 198 9.37 9.51 14.54
N LEU A 199 8.82 8.31 14.36
CA LEU A 199 9.63 7.12 14.08
C LEU A 199 10.54 7.34 12.89
N THR A 200 10.00 7.92 11.82
CA THR A 200 10.75 8.10 10.58
C THR A 200 11.87 9.16 10.72
N TYR A 201 11.54 10.25 11.40
CA TYR A 201 12.50 11.32 11.71
C TYR A 201 13.64 10.80 12.58
N ALA A 202 13.31 9.95 13.55
CA ALA A 202 14.29 9.34 14.43
C ALA A 202 15.32 8.54 13.64
N TRP A 203 14.83 7.72 12.70
CA TRP A 203 15.72 6.98 11.81
C TRP A 203 16.56 7.95 10.99
N TRP A 204 15.93 8.99 10.45
CA TRP A 204 16.62 10.00 9.65
C TRP A 204 17.78 10.67 10.40
N LEU A 205 17.57 10.97 11.68
CA LEU A 205 18.58 11.56 12.53
C LEU A 205 19.73 10.58 12.81
N LYS A 206 19.37 9.33 13.10
CA LYS A 206 20.34 8.28 13.36
C LYS A 206 21.18 7.94 12.12
N ASN A 207 20.54 7.94 10.94
CA ASN A 207 21.20 7.69 9.65
C ASN A 207 22.33 6.64 9.69
N PRO A 208 22.03 5.42 10.17
CA PRO A 208 23.07 4.43 10.44
C PRO A 208 23.89 4.00 9.23
N ASN A 209 23.28 3.83 8.06
CA ASN A 209 24.01 3.40 6.85
C ASN A 209 24.48 4.54 5.94
N ASN A 210 24.36 5.77 6.43
CA ASN A 210 24.91 6.97 5.78
C ASN A 210 24.33 7.22 4.38
N ILE A 211 23.00 7.29 4.32
CA ILE A 211 22.29 7.64 3.10
C ILE A 211 22.08 9.16 3.07
N PRO A 212 22.60 9.84 2.04
CA PRO A 212 22.51 11.29 2.01
C PRO A 212 21.09 11.78 1.88
N THR A 213 20.84 13.00 2.34
CA THR A 213 19.55 13.64 2.19
C THR A 213 19.68 14.76 1.21
N TYR A 214 18.56 15.18 0.62
CA TYR A 214 18.61 16.35 -0.24
C TYR A 214 17.34 17.17 -0.01
N PRO A 215 17.41 18.50 0.03
CA PRO A 215 18.57 19.40 -0.04
C PRO A 215 19.56 19.19 1.07
N GLU A 216 20.80 19.61 0.85
CA GLU A 216 21.84 19.37 1.82
C GLU A 216 21.45 19.99 3.14
N CYS A 217 21.60 19.19 4.19
CA CYS A 217 21.22 19.63 5.52
C CYS A 217 21.92 18.74 6.53
N GLN A 218 22.30 19.31 7.67
CA GLN A 218 22.96 18.49 8.71
C GLN A 218 21.94 17.67 9.47
N ARG A 219 22.41 16.58 10.06
CA ARG A 219 21.58 15.62 10.75
C ARG A 219 21.31 15.99 12.19
N THR A 220 20.76 17.18 12.39
CA THR A 220 20.32 17.63 13.69
C THR A 220 18.97 18.29 13.54
N ASP A 221 18.26 18.37 14.66
CA ASP A 221 16.89 18.79 14.70
C ASP A 221 16.79 20.23 15.17
N PRO A 222 16.27 21.14 14.31
CA PRO A 222 15.99 22.50 14.75
C PRO A 222 15.23 22.60 16.07
N ASN A 223 14.33 21.66 16.35
CA ASN A 223 13.61 21.63 17.63
C ASN A 223 14.48 21.24 18.83
N GLY A 224 15.64 20.66 18.57
CA GLY A 224 16.67 20.46 19.59
C GLY A 224 16.71 19.12 20.32
N HIS A 225 15.95 18.13 19.85
CA HIS A 225 15.96 16.79 20.45
C HIS A 225 16.75 15.78 19.62
N ASP A 226 17.22 14.71 20.26
CA ASP A 226 18.00 13.67 19.58
C ASP A 226 17.08 12.53 19.13
N ALA A 227 17.64 11.59 18.37
CA ALA A 227 16.90 10.44 17.85
C ALA A 227 16.17 9.65 18.92
N ALA A 228 16.81 9.44 20.06
CA ALA A 228 16.22 8.72 21.19
C ALA A 228 14.91 9.36 21.61
N TRP A 229 14.89 10.69 21.68
CA TRP A 229 13.69 11.44 22.05
C TRP A 229 12.55 11.16 21.10
N TYR A 230 12.86 11.13 19.80
CA TYR A 230 11.83 10.88 18.80
C TYR A 230 11.34 9.43 18.80
N PHE A 231 12.26 8.48 18.98
CA PHE A 231 11.88 7.08 19.18
C PHE A 231 10.93 6.94 20.39
N GLN A 232 11.21 7.66 21.47
CA GLN A 232 10.35 7.62 22.66
C GLN A 232 8.96 8.18 22.36
N GLN A 233 8.90 9.33 21.69
CA GLN A 233 7.60 9.93 21.36
C GLN A 233 6.80 9.01 20.45
N ALA A 234 7.46 8.39 19.47
CA ALA A 234 6.80 7.43 18.57
C ALA A 234 6.13 6.34 19.38
N TYR A 235 6.86 5.77 20.33
CA TYR A 235 6.33 4.78 21.26
C TYR A 235 5.14 5.35 22.02
N ASP A 236 5.36 6.44 22.75
CA ASP A 236 4.35 7.02 23.64
C ASP A 236 3.04 7.33 22.93
N VAL A 237 3.14 7.91 21.73
CA VAL A 237 1.97 8.35 20.99
C VAL A 237 1.21 7.15 20.42
N ALA A 238 1.96 6.19 19.87
CA ALA A 238 1.35 4.94 19.39
C ALA A 238 0.59 4.29 20.53
N VAL A 239 1.23 4.14 21.68
CA VAL A 239 0.61 3.50 22.83
C VAL A 239 -0.62 4.25 23.34
N THR A 240 -0.57 5.58 23.34
CA THR A 240 -1.74 6.38 23.74
C THR A 240 -2.93 6.12 22.81
N ALA A 241 -2.67 5.89 21.53
CA ALA A 241 -3.71 5.59 20.56
C ALA A 241 -4.37 4.24 20.90
N ILE A 242 -3.53 3.23 21.13
CA ILE A 242 -4.00 1.89 21.49
C ILE A 242 -4.88 1.93 22.73
N GLU A 243 -4.47 2.69 23.73
CA GLU A 243 -5.20 2.81 25.00
C GLU A 243 -6.43 3.72 24.92
N ASN A 244 -6.54 4.51 23.87
CA ASN A 244 -7.69 5.40 23.65
C ASN A 244 -8.15 5.28 22.20
N PRO A 245 -8.72 4.13 21.84
CA PRO A 245 -8.94 3.81 20.44
C PRO A 245 -10.25 4.34 19.85
N GLY A 246 -11.07 5.01 20.65
CA GLY A 246 -12.39 5.40 20.18
C GLY A 246 -13.10 4.14 19.72
N PRO A 247 -13.60 4.15 18.47
CA PRO A 247 -14.38 3.02 17.96
C PRO A 247 -13.56 1.89 17.34
N PHE A 248 -12.24 2.06 17.28
CA PHE A 248 -11.38 1.18 16.49
C PHE A 248 -10.84 0.00 17.28
N GLY A 249 -10.35 -1.00 16.55
CA GLY A 249 -9.84 -2.22 17.15
C GLY A 249 -9.57 -3.31 16.15
N LEU A 250 -8.85 -4.34 16.59
CA LEU A 250 -8.48 -5.47 15.77
C LEU A 250 -9.69 -6.38 15.52
N GLN A 251 -9.76 -6.93 14.31
CA GLN A 251 -10.75 -7.94 13.99
C GLN A 251 -10.28 -9.26 14.62
N GLU A 252 -11.23 -10.17 14.81
CA GLU A 252 -10.93 -11.47 15.44
C GLU A 252 -9.91 -12.28 14.62
N SER A 253 -10.04 -12.22 13.30
CA SER A 253 -9.15 -12.91 12.37
C SER A 253 -8.63 -11.95 11.30
N PHE A 254 -7.46 -12.30 10.76
CA PHE A 254 -6.81 -11.50 9.72
C PHE A 254 -7.59 -11.54 8.39
N TRP A 255 -8.37 -12.60 8.21
CA TRP A 255 -9.24 -12.69 7.05
C TRP A 255 -10.26 -11.55 7.04
N MET A 256 -10.82 -11.23 8.20
CA MET A 256 -11.85 -10.21 8.33
C MET A 256 -11.37 -8.79 7.96
N VAL A 257 -10.06 -8.54 8.09
CA VAL A 257 -9.48 -7.24 7.81
C VAL A 257 -9.65 -6.84 6.35
N ASN A 258 -9.37 -7.77 5.45
CA ASN A 258 -9.34 -7.50 4.01
C ASN A 258 -10.41 -8.23 3.18
N ALA A 259 -11.32 -8.93 3.83
CA ALA A 259 -12.42 -9.59 3.14
C ALA A 259 -13.48 -8.58 2.70
N GLY A 260 -13.86 -8.68 1.42
CA GLY A 260 -14.82 -7.77 0.81
C GLY A 260 -16.08 -7.47 1.62
N PRO A 261 -16.81 -8.51 2.02
CA PRO A 261 -18.02 -8.30 2.84
C PRO A 261 -17.81 -7.52 4.14
N ASN A 262 -16.55 -7.38 4.59
CA ASN A 262 -16.24 -6.65 5.82
C ASN A 262 -15.47 -5.35 5.58
N ASP A 263 -15.50 -4.83 4.35
CA ASP A 263 -14.88 -3.54 4.07
C ASP A 263 -15.49 -2.49 5.00
N ARG A 264 -14.68 -1.49 5.34
CA ARG A 264 -15.08 -0.37 6.22
C ARG A 264 -15.17 -0.80 7.67
N ASN A 265 -14.48 -1.88 8.03
CA ASN A 265 -14.49 -2.38 9.41
C ASN A 265 -13.66 -1.48 10.32
N MET A 266 -13.73 -1.74 11.63
CA MET A 266 -13.13 -0.82 12.62
C MET A 266 -11.64 -1.06 12.90
N GLU A 267 -10.98 -1.87 12.06
CA GLU A 267 -9.53 -1.93 12.05
C GLU A 267 -8.96 -0.95 11.00
N ILE A 268 -9.82 -0.46 10.11
CA ILE A 268 -9.43 0.51 9.07
C ILE A 268 -9.60 1.94 9.60
N LEU A 269 -8.49 2.63 9.81
CA LEU A 269 -8.50 4.01 10.31
C LEU A 269 -8.76 5.04 9.22
N LEU A 270 -8.36 4.71 8.00
CA LEU A 270 -8.52 5.60 6.86
C LEU A 270 -8.50 4.82 5.55
N TYR A 271 -9.31 5.28 4.60
CA TYR A 271 -9.34 4.70 3.27
C TYR A 271 -9.76 5.70 2.19
N ALA A 272 -9.36 5.42 0.94
CA ALA A 272 -9.87 6.13 -0.22
C ALA A 272 -11.21 5.49 -0.57
N ASP A 273 -12.27 6.30 -0.65
CA ASP A 273 -13.61 5.78 -0.88
C ASP A 273 -13.93 5.81 -2.37
N HIS A 274 -13.81 4.64 -3.01
CA HIS A 274 -13.97 4.55 -4.46
C HIS A 274 -15.41 4.29 -4.92
N THR A 275 -16.35 4.20 -3.99
CA THR A 275 -17.78 4.21 -4.35
C THR A 275 -18.22 5.65 -4.65
N GLN A 276 -17.87 6.57 -3.76
CA GLN A 276 -18.18 8.01 -3.93
C GLN A 276 -17.68 8.56 -5.26
N GLU A 277 -18.59 9.18 -6.00
CA GLU A 277 -18.32 9.74 -7.32
C GLU A 277 -18.60 11.24 -7.38
N ASP A 278 -18.19 11.86 -8.49
CA ASP A 278 -18.31 13.30 -8.72
C ASP A 278 -19.58 13.67 -9.56
N GLU A 279 -20.34 14.67 -9.08
CA GLU A 279 -21.56 15.13 -9.76
C GLU A 279 -21.35 16.53 -10.38
N TYR A 280 -21.37 16.56 -11.71
CA TYR A 280 -21.08 17.76 -12.50
C TYR A 280 -22.30 18.69 -12.50
N TYR A 281 -22.08 19.99 -12.35
CA TYR A 281 -23.16 20.98 -12.48
C TYR A 281 -22.69 22.14 -13.35
N ASN A 282 -23.50 22.57 -14.30
CA ASN A 282 -23.13 23.64 -15.20
C ASN A 282 -24.01 24.86 -14.99
N GLY A 283 -23.44 25.94 -14.44
CA GLY A 283 -24.20 27.17 -14.21
C GLY A 283 -25.48 26.95 -13.41
N GLY A 284 -25.37 26.13 -12.37
CA GLY A 284 -26.51 25.86 -11.48
C GLY A 284 -27.40 24.72 -11.94
N SER A 285 -27.16 24.26 -13.16
CA SER A 285 -27.96 23.19 -13.76
C SER A 285 -27.17 21.89 -13.87
N LEU A 286 -27.84 20.78 -13.59
CA LEU A 286 -27.18 19.49 -13.64
C LEU A 286 -26.70 19.16 -15.03
N SER A 287 -25.46 18.68 -15.10
CA SER A 287 -24.78 18.28 -16.34
C SER A 287 -24.26 16.85 -16.21
N TYR A 288 -24.59 16.04 -17.20
CA TYR A 288 -24.17 14.64 -17.27
C TYR A 288 -22.67 14.51 -17.59
N GLY A 289 -21.96 13.65 -16.86
CA GLY A 289 -20.51 13.50 -17.03
C GLY A 289 -19.86 12.68 -15.94
N ALA A 293 -14.37 10.43 -12.24
CA ALA A 293 -13.58 9.82 -11.17
C ALA A 293 -12.38 8.99 -11.71
N PRO A 294 -11.28 8.91 -10.93
CA PRO A 294 -10.21 7.95 -11.22
C PRO A 294 -10.53 6.55 -10.68
N ASP A 295 -9.83 5.53 -11.17
CA ASP A 295 -10.15 4.14 -10.87
C ASP A 295 -9.30 3.55 -9.76
N ASN A 296 -9.85 2.56 -9.08
CA ASN A 296 -9.12 1.71 -8.16
C ASN A 296 -8.75 0.44 -8.92
N PHE A 297 -7.61 0.48 -9.59
CA PHE A 297 -7.17 -0.61 -10.47
C PHE A 297 -5.81 -1.18 -10.06
N ALA A 298 -5.45 -0.96 -8.80
CA ALA A 298 -4.20 -1.46 -8.23
C ALA A 298 -4.21 -2.98 -8.08
N GLY A 299 -5.41 -3.55 -7.90
CA GLY A 299 -5.56 -4.98 -7.70
C GLY A 299 -5.31 -5.80 -8.96
N TRP A 300 -5.22 -5.12 -10.10
CA TRP A 300 -4.96 -5.79 -11.36
C TRP A 300 -3.47 -6.11 -11.55
N MET A 301 -2.60 -5.40 -10.84
CA MET A 301 -1.16 -5.50 -11.06
C MET A 301 -0.63 -6.88 -10.65
N MET A 302 -0.90 -7.27 -9.41
CA MET A 302 -0.51 -8.59 -8.92
C MET A 302 -1.69 -9.57 -9.06
N ASN A 303 -2.17 -9.67 -10.30
CA ASN A 303 -3.16 -10.66 -10.68
C ASN A 303 -2.87 -11.13 -12.11
N TRP A 304 -3.10 -12.43 -12.36
CA TRP A 304 -2.55 -13.12 -13.52
C TRP A 304 -3.66 -13.78 -14.32
N ASN A 305 -3.30 -14.30 -15.49
CA ASN A 305 -4.25 -14.92 -16.40
C ASN A 305 -4.70 -16.32 -15.95
N TYR A 306 -5.42 -16.39 -14.84
CA TYR A 306 -6.04 -17.64 -14.38
C TYR A 306 -7.07 -18.17 -15.38
N THR A 307 -7.58 -17.27 -16.24
CA THR A 307 -8.53 -17.63 -17.32
C THR A 307 -7.94 -18.61 -18.32
N ASP A 308 -6.61 -18.65 -18.41
CA ASP A 308 -5.89 -19.64 -19.21
C ASP A 308 -6.26 -21.08 -18.83
N ALA A 309 -6.55 -21.32 -17.54
CA ALA A 309 -6.83 -22.66 -17.01
C ALA A 309 -7.77 -23.47 -17.90
N ARG A 310 -7.36 -24.71 -18.20
CA ARG A 310 -8.12 -25.64 -19.04
C ARG A 310 -8.38 -26.96 -18.33
N SER A 311 -9.44 -27.64 -18.78
CA SER A 311 -9.72 -29.03 -18.40
C SER A 311 -8.92 -29.99 -19.28
N ALA A 312 -8.94 -31.28 -18.93
CA ALA A 312 -8.24 -32.30 -19.69
C ALA A 312 -8.75 -32.31 -21.13
N ASP A 313 -10.00 -31.88 -21.32
CA ASP A 313 -10.62 -31.79 -22.63
C ASP A 313 -10.55 -30.37 -23.18
N ASN A 314 -9.58 -29.61 -22.65
CA ASN A 314 -9.30 -28.26 -23.11
C ASN A 314 -10.51 -27.33 -23.07
N GLN A 315 -11.25 -27.37 -21.97
CA GLN A 315 -12.45 -26.55 -21.82
C GLN A 315 -12.11 -25.34 -20.95
N ALA A 316 -12.60 -24.16 -21.33
CA ALA A 316 -12.32 -22.96 -20.54
C ALA A 316 -13.21 -23.01 -19.32
N VAL A 317 -12.63 -23.39 -18.20
CA VAL A 317 -13.42 -23.63 -16.98
C VAL A 317 -13.47 -22.45 -16.01
N ILE A 318 -12.57 -21.46 -16.17
CA ILE A 318 -12.59 -20.28 -15.31
C ILE A 318 -12.80 -18.98 -16.09
N ASN A 319 -13.99 -18.40 -15.88
CA ASN A 319 -14.41 -17.14 -16.47
C ASN A 319 -13.86 -15.99 -15.63
N ARG A 320 -13.55 -14.88 -16.30
CA ARG A 320 -13.20 -13.62 -15.64
C ARG A 320 -14.47 -13.00 -15.06
N ILE A 321 -14.54 -12.92 -13.73
CA ILE A 321 -15.71 -12.41 -13.02
C ILE A 321 -15.34 -11.50 -11.85
N ALA A 322 -16.30 -10.67 -11.44
CA ALA A 322 -16.12 -9.69 -10.35
C ALA A 322 -16.31 -10.32 -8.97
N GLU A 323 -15.38 -11.18 -8.61
CA GLU A 323 -15.30 -11.78 -7.29
C GLU A 323 -13.87 -11.61 -6.82
N GLN A 324 -13.68 -11.55 -5.52
CA GLN A 324 -12.39 -11.23 -4.96
C GLN A 324 -11.28 -12.22 -5.33
N CYS A 325 -11.59 -13.50 -5.36
CA CYS A 325 -10.56 -14.48 -5.71
C CYS A 325 -10.19 -14.41 -7.20
N TYR A 326 -11.10 -13.98 -8.05
CA TYR A 326 -10.82 -13.89 -9.48
C TYR A 326 -10.44 -12.47 -9.87
N GLY A 327 -11.28 -11.79 -10.63
CA GLY A 327 -11.05 -10.40 -10.99
C GLY A 327 -10.12 -10.20 -12.16
N ARG A 328 -9.99 -8.96 -12.62
CA ARG A 328 -9.21 -8.64 -13.80
C ARG A 328 -7.71 -8.72 -13.54
N PRO A 329 -6.94 -9.31 -14.49
CA PRO A 329 -5.48 -9.42 -14.39
C PRO A 329 -4.72 -8.67 -15.47
N TRP A 330 -3.68 -7.96 -15.04
CA TRP A 330 -2.77 -7.27 -15.95
C TRP A 330 -1.35 -7.88 -15.93
N THR A 331 -1.11 -8.79 -14.99
CA THR A 331 0.14 -9.55 -14.92
C THR A 331 1.38 -8.65 -14.95
N ARG A 332 1.34 -7.58 -14.15
CA ARG A 332 2.37 -6.55 -14.20
C ARG A 332 3.38 -6.55 -13.05
N MET A 333 2.97 -7.09 -11.90
CA MET A 333 3.88 -7.33 -10.78
C MET A 333 3.74 -8.77 -10.33
N ALA A 334 4.84 -9.33 -9.86
CA ALA A 334 4.90 -10.74 -9.44
C ALA A 334 5.62 -10.84 -8.09
N PRO A 335 5.20 -11.78 -7.23
CA PRO A 335 5.91 -12.01 -5.98
C PRO A 335 7.19 -12.84 -6.20
N PRO A 336 8.34 -12.34 -5.72
CA PRO A 336 9.54 -13.17 -5.71
C PRO A 336 9.37 -14.33 -4.73
N LEU A 337 10.14 -15.40 -4.93
CA LEU A 337 10.01 -16.61 -4.12
C LEU A 337 10.38 -16.41 -2.64
N GLY A 338 11.16 -15.37 -2.32
CA GLY A 338 11.46 -14.99 -0.93
C GLY A 338 10.20 -14.76 -0.10
N VAL A 339 9.18 -14.19 -0.75
CA VAL A 339 7.87 -13.97 -0.13
C VAL A 339 7.32 -15.25 0.53
N PHE A 340 7.49 -16.39 -0.15
CA PHE A 340 6.96 -17.67 0.32
C PHE A 340 7.92 -18.42 1.24
N THR A 341 9.22 -18.34 0.97
CA THR A 341 10.24 -19.07 1.73
C THR A 341 10.72 -18.33 2.98
N LYS A 342 10.64 -17.00 2.98
CA LYS A 342 11.10 -16.18 4.11
C LYS A 342 9.95 -15.51 4.85
N THR A 343 9.25 -14.61 4.18
CA THR A 343 8.16 -13.82 4.78
C THR A 343 7.04 -14.71 5.33
N PHE A 344 6.39 -15.49 4.45
CA PHE A 344 5.28 -16.37 4.85
C PHE A 344 5.76 -17.80 5.01
N ALA A 345 6.80 -17.99 5.82
CA ALA A 345 7.35 -19.33 6.08
C ALA A 345 6.24 -20.25 6.60
N ASP A 346 5.61 -19.84 7.71
CA ASP A 346 4.52 -20.58 8.34
C ASP A 346 3.18 -20.37 7.61
N LYS A 347 2.59 -21.45 7.09
CA LYS A 347 1.26 -21.43 6.46
C LYS A 347 0.23 -22.29 7.20
N VAL A 348 0.62 -22.86 8.32
CA VAL A 348 -0.27 -23.68 9.10
C VAL A 348 -0.81 -22.86 10.25
N ASN A 349 0.10 -22.24 10.99
CA ASN A 349 -0.32 -21.46 12.14
C ASN A 349 -0.65 -20.02 11.80
N ASP A 350 -0.38 -19.58 10.59
CA ASP A 350 -0.52 -18.19 10.26
C ASP A 350 -1.65 -17.98 9.28
N SER A 351 -2.74 -17.36 9.72
CA SER A 351 -3.84 -17.03 8.80
C SER A 351 -3.30 -16.24 7.58
N ARG A 352 -2.23 -15.48 7.78
CA ARG A 352 -1.95 -14.34 6.91
C ARG A 352 -1.64 -14.65 5.45
N TYR A 353 -0.84 -15.68 5.19
CA TYR A 353 -0.58 -16.11 3.82
C TYR A 353 -1.90 -16.36 3.09
N ASP A 354 -2.76 -17.19 3.70
CA ASP A 354 -4.07 -17.52 3.12
C ASP A 354 -5.02 -16.32 3.05
N GLY A 355 -4.88 -15.37 3.97
CA GLY A 355 -5.65 -14.12 3.94
C GLY A 355 -5.04 -13.01 3.08
N THR A 356 -4.05 -13.36 2.26
CA THR A 356 -3.33 -12.45 1.37
C THR A 356 -3.48 -12.87 -0.11
N PHE A 357 -3.17 -14.13 -0.40
CA PHE A 357 -3.15 -14.65 -1.77
C PHE A 357 -4.31 -15.61 -2.04
N THR A 358 -4.82 -15.56 -3.28
CA THR A 358 -5.71 -16.59 -3.79
C THR A 358 -4.84 -17.73 -4.25
N THR A 359 -4.94 -18.88 -3.57
CA THR A 359 -4.09 -20.03 -3.88
C THR A 359 -4.84 -21.14 -4.63
N VAL A 360 -6.14 -21.29 -4.37
CA VAL A 360 -6.97 -22.35 -4.97
C VAL A 360 -8.00 -21.75 -5.93
N TYR A 361 -7.75 -21.94 -7.23
CA TYR A 361 -8.61 -21.43 -8.31
C TYR A 361 -9.64 -22.45 -8.75
N ARG A 362 -10.92 -22.09 -8.65
CA ARG A 362 -12.04 -23.03 -8.90
C ARG A 362 -12.85 -22.67 -10.15
N GLY A 363 -13.61 -23.66 -10.63
CA GLY A 363 -14.48 -23.48 -11.79
C GLY A 363 -15.70 -22.62 -11.47
N ASN A 364 -16.07 -21.77 -12.42
CA ASN A 364 -17.23 -20.88 -12.30
C ASN A 364 -17.94 -20.75 -13.64
N TRP A 365 -17.87 -21.82 -14.44
CA TRP A 365 -18.22 -21.79 -15.87
C TRP A 365 -19.65 -21.38 -16.23
N SER A 366 -20.58 -21.49 -15.28
CA SER A 366 -21.96 -21.07 -15.50
C SER A 366 -22.10 -19.53 -15.56
N THR A 367 -21.08 -18.81 -15.11
CA THR A 367 -21.01 -17.37 -15.31
C THR A 367 -20.71 -17.01 -16.77
N ALA A 368 -20.21 -17.99 -17.52
CA ALA A 368 -19.99 -17.84 -18.97
C ALA A 368 -21.14 -18.43 -19.78
N GLY A 369 -22.18 -18.91 -19.10
CA GLY A 369 -23.37 -19.48 -19.76
C GLY A 369 -23.29 -20.97 -20.06
N GLN A 370 -22.35 -21.65 -19.42
CA GLN A 370 -22.13 -23.10 -19.61
C GLN A 370 -22.93 -23.90 -18.60
N ASN A 371 -23.27 -25.13 -18.97
CA ASN A 371 -24.13 -26.00 -18.13
C ASN A 371 -23.52 -27.36 -17.79
N TRP A 372 -22.19 -27.50 -17.89
CA TRP A 372 -21.51 -28.75 -17.51
C TRP A 372 -21.69 -29.06 -16.01
N GLU A 373 -22.22 -30.24 -15.72
CA GLU A 373 -22.31 -30.76 -14.35
C GLU A 373 -20.92 -30.90 -13.77
N SER A 374 -20.08 -31.65 -14.48
CA SER A 374 -18.70 -31.92 -14.09
C SER A 374 -17.81 -31.75 -15.31
N VAL A 375 -16.51 -31.84 -15.08
CA VAL A 375 -15.54 -31.81 -16.16
C VAL A 375 -14.40 -32.71 -15.78
N THR A 376 -13.64 -33.14 -16.77
CA THR A 376 -12.55 -34.06 -16.48
C THR A 376 -11.17 -33.42 -16.66
N ASN A 377 -10.38 -33.51 -15.60
CA ASN A 377 -8.98 -33.12 -15.59
C ASN A 377 -8.27 -33.83 -14.43
N ALA A 378 -6.94 -33.82 -14.39
CA ALA A 378 -6.18 -34.39 -13.27
C ALA A 378 -6.47 -35.89 -12.99
N ASN A 379 -5.83 -36.73 -13.81
CA ASN A 379 -5.93 -38.19 -13.75
C ASN A 379 -7.34 -38.69 -13.96
N GLY A 380 -8.00 -38.12 -14.97
CA GLY A 380 -9.36 -38.52 -15.33
C GLY A 380 -10.32 -38.49 -14.15
N MET A 381 -10.23 -37.47 -13.32
CA MET A 381 -11.15 -37.36 -12.20
C MET A 381 -12.19 -36.30 -12.55
N LYS A 382 -13.40 -36.54 -12.10
CA LYS A 382 -14.50 -35.60 -12.34
C LYS A 382 -14.43 -34.50 -11.29
N VAL A 383 -14.54 -33.25 -11.73
CA VAL A 383 -14.56 -32.10 -10.84
C VAL A 383 -15.81 -31.28 -11.10
N LYS A 384 -16.57 -31.01 -10.04
CA LYS A 384 -17.81 -30.22 -10.13
C LYS A 384 -17.50 -28.72 -10.15
N GLU A 385 -18.52 -27.91 -10.41
CA GLU A 385 -18.35 -26.46 -10.39
C GLU A 385 -18.02 -25.98 -8.97
N ARG A 386 -17.20 -24.93 -8.88
CA ARG A 386 -16.73 -24.37 -7.61
C ARG A 386 -15.84 -25.32 -6.79
N GLU A 387 -15.31 -26.36 -7.44
CA GLU A 387 -14.33 -27.26 -6.83
C GLU A 387 -12.96 -26.95 -7.44
N PRO A 388 -11.87 -27.27 -6.72
CA PRO A 388 -10.52 -26.90 -7.18
C PRO A 388 -10.15 -27.45 -8.56
N ILE A 389 -9.75 -26.53 -9.43
CA ILE A 389 -9.18 -26.84 -10.75
C ILE A 389 -7.67 -26.76 -10.67
N PHE A 390 -7.17 -25.65 -10.13
CA PHE A 390 -5.74 -25.38 -10.03
C PHE A 390 -5.41 -24.86 -8.63
N SER A 391 -4.48 -25.53 -7.95
CA SER A 391 -4.01 -25.11 -6.62
C SER A 391 -2.49 -24.84 -6.61
N PHE A 392 -2.11 -23.69 -6.06
CA PHE A 392 -0.72 -23.44 -5.66
C PHE A 392 -0.48 -24.12 -4.32
N VAL A 393 0.46 -25.07 -4.28
CA VAL A 393 0.70 -25.90 -3.09
C VAL A 393 2.06 -25.69 -2.43
N PHE A 394 2.14 -26.05 -1.15
CA PHE A 394 3.37 -25.93 -0.37
C PHE A 394 3.69 -27.17 0.49
N GLN A 395 3.32 -28.36 0.01
CA GLN A 395 3.37 -29.58 0.80
C GLN A 395 4.36 -30.58 0.18
N ASP A 396 3.97 -31.17 -0.95
CA ASP A 396 4.75 -32.19 -1.64
C ASP A 396 5.28 -31.59 -2.93
N MET A 397 6.01 -30.49 -2.81
CA MET A 397 6.43 -29.70 -3.97
C MET A 397 7.40 -30.43 -4.89
N ASP A 398 8.26 -31.28 -4.30
CA ASP A 398 9.27 -32.03 -5.06
C ASP A 398 8.75 -33.33 -5.75
N LYS A 399 7.46 -33.65 -5.56
CA LYS A 399 6.81 -34.83 -6.15
C LYS A 399 5.99 -34.55 -7.43
N ILE A 400 5.68 -33.28 -7.70
CA ILE A 400 4.79 -32.90 -8.80
C ILE A 400 5.33 -33.41 -10.14
N ASP A 401 4.44 -33.90 -10.98
CA ASP A 401 4.79 -34.38 -12.33
C ASP A 401 4.39 -33.34 -13.38
N TYR A 402 5.33 -32.46 -13.72
CA TYR A 402 5.14 -31.50 -14.81
C TYR A 402 5.40 -32.15 -16.18
N ALA A 403 6.00 -33.34 -16.19
CA ALA A 403 6.40 -34.04 -17.42
C ALA A 403 5.23 -34.63 -18.21
N GLY A 404 4.14 -34.96 -17.53
CA GLY A 404 3.01 -35.66 -18.15
C GLY A 404 1.86 -34.76 -18.57
N GLU A 405 0.65 -35.18 -18.19
CA GLU A 405 -0.60 -34.55 -18.64
C GLU A 405 -0.87 -33.12 -18.14
N GLY A 406 -0.13 -32.67 -17.12
CA GLY A 406 -0.21 -31.31 -16.62
C GLY A 406 -0.16 -30.24 -17.71
N SER A 407 0.51 -30.58 -18.81
CA SER A 407 0.45 -29.84 -20.08
C SER A 407 -0.97 -29.38 -20.48
N LYS A 408 -1.95 -30.26 -20.29
CA LYS A 408 -3.34 -30.04 -20.70
C LYS A 408 -4.04 -28.88 -19.98
N SER A 409 -3.41 -28.33 -18.96
CA SER A 409 -3.96 -27.24 -18.16
C SER A 409 -3.85 -25.85 -18.78
N ASN A 410 -2.98 -25.71 -19.78
CA ASN A 410 -2.61 -24.41 -20.35
C ASN A 410 -1.99 -23.50 -19.29
N LEU A 411 -1.52 -24.15 -18.23
CA LEU A 411 -0.79 -23.58 -17.11
C LEU A 411 0.43 -24.47 -16.97
N GLY A 412 1.55 -23.93 -16.51
CA GLY A 412 2.75 -24.76 -16.41
C GLY A 412 2.60 -25.89 -15.40
N ALA A 413 1.37 -26.34 -15.19
CA ALA A 413 1.01 -27.12 -14.01
C ALA A 413 1.34 -28.60 -14.17
N GLY A 414 1.35 -29.30 -13.04
CA GLY A 414 1.58 -30.74 -12.99
C GLY A 414 0.51 -31.42 -12.14
N THR A 415 0.73 -32.68 -11.81
CA THR A 415 -0.23 -33.48 -11.07
C THR A 415 0.39 -34.16 -9.87
N LEU A 416 -0.48 -34.62 -8.97
CA LEU A 416 -0.10 -35.43 -7.82
C LEU A 416 -1.08 -36.60 -7.72
N PRO A 417 -0.68 -37.69 -7.04
CA PRO A 417 -1.59 -38.84 -6.90
C PRO A 417 -2.85 -38.52 -6.10
N ASP A 418 -3.93 -39.24 -6.40
CA ASP A 418 -5.26 -39.06 -5.77
C ASP A 418 -5.66 -37.60 -5.59
N ARG A 419 -5.40 -36.78 -6.62
CA ARG A 419 -5.59 -35.32 -6.57
C ARG A 419 -6.28 -34.83 -7.84
N ALA A 420 -7.51 -34.34 -7.69
CA ALA A 420 -8.38 -34.01 -8.81
C ALA A 420 -8.16 -32.60 -9.35
N ASP A 421 -6.98 -32.03 -9.17
CA ASP A 421 -6.76 -30.65 -9.55
C ASP A 421 -5.37 -30.46 -10.09
N TRP A 422 -5.24 -29.51 -11.00
CA TRP A 422 -3.93 -29.17 -11.49
C TRP A 422 -3.12 -28.63 -10.32
N VAL A 423 -1.80 -28.63 -10.41
CA VAL A 423 -1.03 -28.26 -9.22
C VAL A 423 0.35 -27.70 -9.59
N LEU A 424 0.78 -26.66 -8.87
CA LEU A 424 2.08 -26.01 -9.07
C LEU A 424 2.64 -25.57 -7.72
N GLY A 425 3.88 -25.96 -7.43
CA GLY A 425 4.52 -25.65 -6.15
C GLY A 425 5.04 -24.24 -6.08
N LEU A 426 5.14 -23.70 -4.86
CA LEU A 426 5.58 -22.32 -4.66
C LEU A 426 7.07 -22.07 -5.02
N ASP A 427 7.81 -23.15 -5.29
CA ASP A 427 9.20 -23.07 -5.76
C ASP A 427 9.28 -23.06 -7.30
N ALA A 428 8.12 -23.20 -7.94
CA ALA A 428 7.99 -23.15 -9.40
C ALA A 428 7.19 -21.92 -9.88
N VAL A 429 6.88 -21.01 -8.96
CA VAL A 429 6.17 -19.77 -9.29
C VAL A 429 7.01 -18.85 -10.19
N GLY A 430 6.35 -18.20 -11.15
CA GLY A 430 7.02 -17.37 -12.15
C GLY A 430 6.39 -16.00 -12.36
N ARG A 431 6.74 -15.38 -13.47
CA ARG A 431 6.27 -14.03 -13.82
C ARG A 431 4.91 -14.05 -14.52
N TYR A 432 4.50 -15.23 -15.02
CA TYR A 432 3.18 -15.41 -15.64
C TYR A 432 2.17 -16.05 -14.70
N VAL A 433 2.63 -17.05 -13.93
CA VAL A 433 1.80 -17.87 -13.06
C VAL A 433 2.24 -17.74 -11.61
N TYR A 434 1.50 -16.93 -10.86
CA TYR A 434 1.76 -16.69 -9.43
C TYR A 434 0.43 -16.51 -8.68
N PRO A 435 0.44 -16.73 -7.35
CA PRO A 435 -0.77 -16.50 -6.57
C PRO A 435 -1.26 -15.05 -6.67
N GLY A 436 -2.53 -14.88 -7.04
CA GLY A 436 -3.13 -13.54 -7.16
C GLY A 436 -3.29 -12.87 -5.82
N LEU A 437 -3.23 -11.54 -5.81
CA LEU A 437 -3.32 -10.75 -4.59
C LEU A 437 -4.78 -10.56 -4.19
N TRP A 438 -5.25 -11.45 -3.33
CA TRP A 438 -6.65 -11.52 -2.92
C TRP A 438 -7.12 -10.27 -2.15
N LYS A 439 -6.24 -9.69 -1.34
CA LYS A 439 -6.55 -8.45 -0.63
C LYS A 439 -7.24 -7.42 -1.53
N LEU A 440 -6.73 -7.24 -2.74
CA LEU A 440 -7.18 -6.16 -3.64
C LEU A 440 -8.12 -6.64 -4.76
N GLY A 441 -8.68 -7.84 -4.60
CA GLY A 441 -9.64 -8.36 -5.55
C GLY A 441 -10.92 -7.55 -5.48
N PRO A 442 -11.72 -7.56 -6.56
CA PRO A 442 -12.97 -6.80 -6.54
C PRO A 442 -14.02 -7.46 -5.63
N TYR A 443 -14.98 -6.65 -5.19
CA TYR A 443 -16.15 -7.15 -4.45
C TYR A 443 -17.36 -6.38 -4.91
N ARG A 444 -18.37 -7.12 -5.35
CA ARG A 444 -19.58 -6.57 -5.94
C ARG A 444 -20.73 -7.50 -5.57
N THR A 445 -21.76 -6.99 -4.88
CA THR A 445 -22.94 -7.81 -4.55
C THR A 445 -23.88 -8.07 -5.72
N ASP A 446 -23.75 -7.29 -6.79
CA ASP A 446 -24.74 -7.25 -7.90
C ASP A 446 -24.36 -8.04 -9.16
N ASN A 447 -23.60 -9.13 -8.98
CA ASN A 447 -23.18 -9.96 -10.11
C ASN A 447 -24.28 -10.81 -10.74
N GLY A 448 -25.31 -11.15 -9.95
CA GLY A 448 -26.34 -12.10 -10.37
C GLY A 448 -25.72 -13.48 -10.61
N SER A 449 -26.24 -14.18 -11.61
CA SER A 449 -25.72 -15.47 -12.06
C SER A 449 -24.63 -15.34 -13.14
N GLY A 450 -24.22 -14.11 -13.43
CA GLY A 450 -23.27 -13.81 -14.50
C GLY A 450 -21.93 -13.38 -13.94
N ALA A 451 -21.17 -12.67 -14.77
CA ALA A 451 -19.79 -12.27 -14.47
C ALA A 451 -19.65 -10.92 -13.77
N GLY A 452 -20.75 -10.18 -13.67
CA GLY A 452 -20.71 -8.80 -13.22
C GLY A 452 -20.02 -7.93 -14.25
N GLN A 453 -19.23 -6.97 -13.75
CA GLN A 453 -18.40 -6.10 -14.56
C GLN A 453 -16.95 -6.20 -14.07
N PRO A 454 -16.21 -7.21 -14.56
CA PRO A 454 -14.87 -7.47 -14.02
C PRO A 454 -13.79 -6.47 -14.46
N ASN A 455 -14.05 -5.74 -15.55
CA ASN A 455 -13.12 -4.71 -16.06
C ASN A 455 -13.38 -3.30 -15.51
N ALA A 456 -14.41 -3.17 -14.68
CA ALA A 456 -14.66 -1.95 -13.95
C ALA A 456 -13.59 -1.81 -12.87
N GLY A 457 -13.29 -0.57 -12.49
CA GLY A 457 -12.43 -0.34 -11.36
C GLY A 457 -13.09 -0.99 -10.15
N SER A 458 -12.28 -1.35 -9.17
CA SER A 458 -12.79 -1.83 -7.89
C SER A 458 -13.62 -0.70 -7.28
N THR A 459 -14.71 -1.07 -6.62
CA THR A 459 -15.55 -0.14 -5.88
C THR A 459 -15.24 -0.25 -4.39
N ARG A 460 -14.31 -1.11 -4.05
CA ARG A 460 -13.94 -1.30 -2.67
C ARG A 460 -13.14 -0.10 -2.20
N PRO A 461 -13.25 0.24 -0.91
CA PRO A 461 -12.28 1.14 -0.29
C PRO A 461 -10.87 0.65 -0.55
N TYR A 462 -9.92 1.57 -0.76
CA TYR A 462 -8.50 1.23 -0.74
C TYR A 462 -8.00 1.61 0.63
N ASN A 463 -7.52 0.62 1.37
CA ASN A 463 -7.17 0.82 2.77
C ASN A 463 -5.81 1.43 2.87
N ILE A 464 -5.74 2.56 3.57
CA ILE A 464 -4.52 3.34 3.70
C ILE A 464 -3.86 3.10 5.06
N ALA A 465 -4.66 3.19 6.12
CA ALA A 465 -4.16 3.13 7.49
C ALA A 465 -4.97 2.16 8.34
N LYS A 466 -4.28 1.36 9.13
CA LYS A 466 -4.89 0.29 9.93
C LYS A 466 -4.50 0.39 11.39
N PHE A 467 -5.43 0.06 12.27
CA PHE A 467 -5.18 0.03 13.71
C PHE A 467 -4.03 -0.90 14.08
N SER A 468 -3.87 -1.98 13.32
CA SER A 468 -2.78 -2.95 13.53
C SER A 468 -1.38 -2.31 13.52
N GLU A 469 -1.14 -1.34 12.62
CA GLU A 469 0.18 -0.72 12.48
C GLU A 469 0.69 -0.06 13.78
N LEU A 470 -0.22 0.50 14.58
CA LEU A 470 0.15 1.08 15.87
C LEU A 470 1.06 0.14 16.67
N TYR A 471 0.68 -1.14 16.74
CA TYR A 471 1.47 -2.15 17.44
C TYR A 471 2.90 -2.27 16.89
N LEU A 472 3.04 -2.23 15.57
CA LEU A 472 4.35 -2.39 14.93
C LEU A 472 5.17 -1.09 14.86
N VAL A 473 4.52 0.04 15.08
CA VAL A 473 5.23 1.32 15.19
C VAL A 473 5.82 1.40 16.58
N ALA A 474 5.01 1.12 17.58
CA ALA A 474 5.47 1.09 18.96
C ALA A 474 6.56 0.03 19.18
N ALA A 475 6.37 -1.14 18.58
CA ALA A 475 7.35 -2.23 18.72
C ALA A 475 8.69 -1.83 18.11
N GLU A 476 8.65 -1.19 16.95
CA GLU A 476 9.87 -0.73 16.30
C GLU A 476 10.59 0.31 17.14
N ALA A 477 9.83 1.22 17.74
CA ALA A 477 10.41 2.23 18.61
C ALA A 477 11.06 1.57 19.81
N ALA A 478 10.41 0.53 20.32
CA ALA A 478 10.94 -0.21 21.46
C ALA A 478 12.27 -0.85 21.10
N VAL A 479 12.36 -1.39 19.90
CA VAL A 479 13.59 -2.01 19.42
C VAL A 479 14.74 -1.02 19.27
N GLU A 480 14.41 0.23 19.00
CA GLU A 480 15.42 1.26 18.84
C GLU A 480 15.70 2.02 20.13
N GLY A 481 15.19 1.49 21.24
CA GLY A 481 15.62 1.93 22.55
C GLY A 481 14.64 2.69 23.42
N ALA A 482 13.40 2.86 22.99
CA ALA A 482 12.45 3.60 23.79
C ALA A 482 12.10 2.83 25.05
N ALA A 483 11.84 3.56 26.13
CA ALA A 483 11.43 2.96 27.39
C ALA A 483 9.99 2.48 27.29
N THR A 484 9.80 1.20 27.58
CA THR A 484 8.51 0.52 27.40
C THR A 484 7.68 0.47 28.68
N GLN A 485 6.36 0.50 28.53
CA GLN A 485 5.40 0.34 29.64
C GLN A 485 5.07 -1.13 29.83
N ALA A 486 4.72 -1.50 31.07
CA ALA A 486 4.42 -2.88 31.44
C ALA A 486 3.35 -3.48 30.52
N GLY A 487 3.63 -4.68 30.00
CA GLY A 487 2.74 -5.35 29.07
C GLY A 487 2.80 -4.86 27.64
N LYS A 488 3.65 -3.87 27.37
CA LYS A 488 3.82 -3.34 26.01
C LYS A 488 5.29 -3.20 25.65
N SER A 489 6.04 -4.28 25.87
CA SER A 489 7.39 -4.43 25.36
C SER A 489 7.31 -4.70 23.88
N ALA A 490 8.44 -4.61 23.20
CA ALA A 490 8.51 -4.96 21.78
C ALA A 490 7.88 -6.33 21.54
N ARG A 491 8.20 -7.29 22.40
CA ARG A 491 7.74 -8.68 22.23
C ARG A 491 6.24 -8.84 22.46
N ASP A 492 5.70 -8.15 23.48
CA ASP A 492 4.26 -8.12 23.75
C ASP A 492 3.49 -7.58 22.56
N LEU A 493 3.95 -6.43 22.06
CA LEU A 493 3.27 -5.73 20.98
C LEU A 493 3.22 -6.56 19.72
N VAL A 494 4.36 -7.13 19.34
CA VAL A 494 4.44 -8.01 18.17
C VAL A 494 3.49 -9.22 18.32
N ASN A 495 3.47 -9.77 19.54
CA ASN A 495 2.66 -10.95 19.83
C ASN A 495 1.15 -10.73 19.79
N VAL A 496 0.72 -9.48 19.89
CA VAL A 496 -0.69 -9.15 19.76
C VAL A 496 -1.17 -9.49 18.36
N LEU A 497 -0.44 -8.98 17.36
CA LEU A 497 -0.77 -9.24 15.96
C LEU A 497 -0.54 -10.70 15.56
N ARG A 498 0.43 -11.34 16.18
CA ARG A 498 0.77 -12.73 15.89
C ARG A 498 -0.22 -13.71 16.53
N ALA A 499 -0.64 -13.43 17.76
CA ALA A 499 -1.72 -14.19 18.41
C ALA A 499 -2.99 -14.10 17.57
N ARG A 500 -3.37 -12.89 17.17
CA ARG A 500 -4.50 -12.64 16.27
C ARG A 500 -4.38 -13.46 14.97
N ALA A 501 -3.17 -13.55 14.43
CA ALA A 501 -2.92 -14.24 13.17
C ALA A 501 -3.15 -15.76 13.26
N GLY A 502 -3.03 -16.32 14.46
CA GLY A 502 -3.24 -17.75 14.69
C GLY A 502 -4.69 -18.19 14.72
N ARG A 503 -5.59 -17.21 14.82
CA ARG A 503 -7.03 -17.45 14.82
C ARG A 503 -7.56 -17.53 13.37
N TRP A 504 -7.98 -18.73 12.95
CA TRP A 504 -8.64 -18.93 11.65
C TRP A 504 -10.18 -18.98 11.79
N THR A 505 -10.85 -18.14 11.01
CA THR A 505 -12.31 -18.04 10.95
C THR A 505 -12.84 -18.55 9.61
N TYR A 506 -11.99 -18.48 8.58
CA TYR A 506 -12.34 -18.80 7.21
C TYR A 506 -11.06 -19.10 6.43
N SER A 507 -11.12 -20.12 5.57
CA SER A 507 -10.02 -20.51 4.70
C SER A 507 -10.38 -20.23 3.25
N ASN A 508 -9.63 -19.33 2.62
CA ASN A 508 -9.81 -19.01 1.19
C ASN A 508 -9.48 -20.21 0.31
N ALA A 509 -8.35 -20.85 0.59
CA ALA A 509 -7.93 -22.07 -0.11
C ALA A 509 -9.05 -23.13 -0.11
N GLU A 510 -9.61 -23.39 1.06
CA GLU A 510 -10.70 -24.36 1.22
C GLU A 510 -12.09 -23.79 0.92
N TYR A 511 -12.22 -22.47 0.86
CA TYR A 511 -13.47 -21.79 0.44
C TYR A 511 -14.62 -22.14 1.38
N LYS A 512 -14.37 -22.03 2.68
CA LYS A 512 -15.34 -22.40 3.71
C LYS A 512 -14.97 -21.84 5.07
N GLU A 513 -15.96 -21.67 5.94
CA GLU A 513 -15.74 -21.36 7.34
C GLU A 513 -14.92 -22.46 8.01
N VAL A 514 -14.26 -22.11 9.10
CA VAL A 514 -13.29 -22.95 9.77
C VAL A 514 -13.14 -22.43 11.20
N ASP A 515 -12.72 -23.28 12.13
CA ASP A 515 -12.50 -22.87 13.53
C ASP A 515 -11.17 -23.41 14.06
N ARG A 516 -10.12 -22.58 13.97
CA ARG A 516 -8.77 -22.92 14.45
C ARG A 516 -8.24 -21.81 15.36
N ASP A 517 -7.49 -22.19 16.40
CA ASP A 517 -6.77 -21.25 17.25
C ASP A 517 -5.34 -21.73 17.49
N PHE A 518 -4.42 -21.22 16.68
CA PHE A 518 -2.98 -21.49 16.82
C PHE A 518 -2.23 -20.33 17.49
N SER A 519 -2.92 -19.52 18.29
CA SER A 519 -2.32 -18.32 18.89
C SER A 519 -1.21 -18.66 19.89
N ALA A 520 -1.38 -19.76 20.62
CA ALA A 520 -0.36 -20.25 21.54
C ALA A 520 0.93 -20.60 20.77
N GLU A 521 0.77 -21.33 19.67
CA GLU A 521 1.89 -21.74 18.82
C GLU A 521 2.64 -20.53 18.26
N MET A 522 1.89 -19.57 17.73
CA MET A 522 2.44 -18.33 17.15
C MET A 522 3.27 -17.52 18.15
N THR A 523 2.70 -17.33 19.34
CA THR A 523 3.37 -16.64 20.44
C THR A 523 4.69 -17.31 20.85
N ALA A 524 4.69 -18.65 20.87
CA ALA A 524 5.86 -19.43 21.26
C ALA A 524 7.01 -19.34 20.25
N ALA A 525 6.66 -19.22 18.97
CA ALA A 525 7.65 -19.19 17.88
C ALA A 525 8.25 -17.78 17.63
N THR A 526 7.74 -16.77 18.33
CA THR A 526 8.30 -15.44 18.27
C THR A 526 9.68 -15.44 18.98
N PRO A 527 10.72 -14.89 18.34
CA PRO A 527 12.05 -14.81 18.97
C PRO A 527 12.05 -14.15 20.36
N ALA A 528 12.99 -14.59 21.21
CA ALA A 528 13.15 -14.08 22.58
C ALA A 528 13.31 -12.55 22.60
N THR A 529 14.15 -12.05 21.70
CA THR A 529 14.34 -10.62 21.46
C THR A 529 14.08 -10.29 20.00
N ILE A 530 13.61 -9.07 19.75
CA ILE A 530 13.15 -8.66 18.44
C ILE A 530 14.06 -7.63 17.78
N ASP A 531 14.52 -7.95 16.57
CA ASP A 531 15.35 -7.04 15.78
C ASP A 531 14.51 -6.36 14.69
N ILE A 532 15.11 -5.38 14.01
CA ILE A 532 14.46 -4.66 12.91
C ILE A 532 14.06 -5.58 11.77
N ASN A 533 14.88 -6.61 11.51
CA ASN A 533 14.55 -7.59 10.48
C ASN A 533 13.20 -8.28 10.73
N TYR A 534 12.90 -8.57 11.99
CA TYR A 534 11.66 -9.24 12.36
C TYR A 534 10.47 -8.30 12.23
N ILE A 535 10.66 -7.05 12.66
CA ILE A 535 9.66 -6.02 12.45
C ILE A 535 9.33 -5.98 10.97
N LEU A 536 10.36 -5.91 10.13
CA LEU A 536 10.15 -5.80 8.68
C LEU A 536 9.45 -7.02 8.07
N ASP A 537 9.68 -8.18 8.66
CA ASP A 537 9.05 -9.41 8.19
C ASP A 537 7.58 -9.43 8.63
N GLU A 538 7.31 -9.07 9.88
CA GLU A 538 5.95 -8.87 10.38
C GLU A 538 5.15 -7.85 9.56
N ARG A 539 5.81 -6.74 9.22
CA ARG A 539 5.21 -5.71 8.36
C ARG A 539 4.84 -6.23 6.98
N SER A 540 5.64 -7.17 6.46
CA SER A 540 5.35 -7.78 5.16
C SER A 540 4.18 -8.77 5.30
N ARG A 541 4.13 -9.48 6.41
CA ARG A 541 3.03 -10.42 6.67
C ARG A 541 1.68 -9.71 6.85
N GLU A 542 1.64 -8.67 7.70
CA GLU A 542 0.41 -7.93 7.93
C GLU A 542 -0.01 -7.12 6.71
N PHE A 543 0.97 -6.52 6.03
CA PHE A 543 0.64 -5.50 5.02
C PHE A 543 1.10 -5.80 3.59
N TYR A 544 1.48 -7.04 3.31
CA TYR A 544 1.95 -7.42 1.97
C TYR A 544 1.14 -6.79 0.84
N GLY A 545 1.85 -6.23 -0.14
CA GLY A 545 1.23 -5.74 -1.37
C GLY A 545 0.24 -4.59 -1.27
N GLU A 546 0.21 -3.91 -0.13
CA GLU A 546 -0.69 -2.77 0.09
C GLU A 546 -0.04 -1.40 -0.16
N GLY A 547 1.29 -1.39 -0.35
CA GLY A 547 2.04 -0.19 -0.70
C GLY A 547 2.82 0.44 0.43
N TYR A 548 3.20 -0.36 1.42
CA TYR A 548 3.93 0.10 2.61
C TYR A 548 5.44 -0.05 2.45
N ARG A 549 5.87 -0.89 1.50
CA ARG A 549 7.17 -1.54 1.58
C ARG A 549 8.35 -0.62 1.35
N TRP A 550 8.28 0.18 0.29
CA TRP A 550 9.36 1.10 -0.01
C TRP A 550 9.63 2.06 1.16
N PHE A 551 8.57 2.60 1.76
CA PHE A 551 8.71 3.49 2.90
C PHE A 551 9.38 2.80 4.08
N ASP A 552 8.96 1.57 4.38
CA ASP A 552 9.48 0.84 5.53
C ASP A 552 10.97 0.47 5.34
N LEU A 553 11.35 0.08 4.12
CA LEU A 553 12.73 -0.30 3.83
C LEU A 553 13.69 0.91 3.75
N VAL A 554 13.15 2.06 3.37
CA VAL A 554 13.93 3.28 3.28
C VAL A 554 14.15 3.91 4.66
N ARG A 555 13.09 4.01 5.46
CA ARG A 555 13.21 4.45 6.84
C ARG A 555 14.28 3.67 7.60
N THR A 556 14.14 2.36 7.60
CA THR A 556 15.05 1.46 8.31
C THR A 556 16.41 1.29 7.62
N GLN A 557 16.52 1.79 6.39
CA GLN A 557 17.73 1.67 5.56
C GLN A 557 18.12 0.21 5.29
N LYS A 558 17.11 -0.66 5.20
CA LYS A 558 17.31 -2.09 4.92
C LYS A 558 17.01 -2.45 3.45
N TRP A 559 16.65 -1.44 2.65
CA TRP A 559 16.25 -1.67 1.28
C TRP A 559 17.28 -2.49 0.52
N ASN A 560 18.56 -2.17 0.71
CA ASN A 560 19.61 -2.96 0.07
C ASN A 560 19.65 -4.40 0.54
N GLU A 561 19.58 -4.61 1.85
CA GLU A 561 19.63 -5.94 2.45
C GLU A 561 18.49 -6.85 1.99
N TYR A 562 17.30 -6.27 1.84
CA TYR A 562 16.07 -7.00 1.51
C TYR A 562 15.81 -7.15 0.00
N ALA A 563 16.38 -6.24 -0.80
CA ALA A 563 16.06 -6.16 -2.23
C ALA A 563 17.23 -6.34 -3.21
N ASP A 564 18.46 -6.42 -2.71
CA ASP A 564 19.65 -6.53 -3.59
C ASP A 564 19.53 -7.71 -4.57
N SER A 565 18.92 -8.79 -4.11
CA SER A 565 18.58 -9.90 -5.01
C SER A 565 17.20 -10.47 -4.68
N TYR A 566 16.50 -10.88 -5.75
CA TYR A 566 15.25 -11.62 -5.67
C TYR A 566 15.35 -12.90 -6.51
N VAL A 567 14.39 -13.82 -6.32
CA VAL A 567 14.35 -15.11 -7.01
C VAL A 567 12.97 -15.37 -7.65
N ILE A 568 12.96 -15.72 -8.94
CA ILE A 568 11.71 -16.02 -9.63
C ILE A 568 11.93 -16.84 -10.92
N CYS A 569 10.91 -17.64 -11.27
CA CYS A 569 10.91 -18.38 -12.53
C CYS A 569 10.38 -17.50 -13.66
N GLY A 570 10.40 -18.03 -14.88
CA GLY A 570 10.02 -17.26 -16.07
C GLY A 570 8.53 -17.32 -16.41
N GLY A 571 8.24 -17.32 -17.70
CA GLY A 571 6.86 -17.38 -18.20
C GLY A 571 6.25 -18.77 -18.01
N LYS A 572 5.11 -19.00 -18.65
CA LYS A 572 4.35 -20.23 -18.45
C LYS A 572 5.18 -21.46 -18.84
N GLY A 573 5.17 -22.47 -17.96
CA GLY A 573 5.92 -23.71 -18.18
C GLY A 573 7.41 -23.61 -17.93
N ASP A 574 7.81 -22.62 -17.12
CA ASP A 574 9.20 -22.41 -16.75
C ASP A 574 9.28 -22.51 -15.24
N HIS A 575 9.89 -23.60 -14.74
CA HIS A 575 9.97 -23.88 -13.30
C HIS A 575 11.40 -23.80 -12.80
N ASN A 576 12.24 -23.04 -13.50
CA ASN A 576 13.64 -22.84 -13.14
C ASN A 576 13.79 -21.54 -12.34
N PRO A 577 13.98 -21.65 -11.00
CA PRO A 577 14.10 -20.45 -10.19
C PRO A 577 15.47 -19.82 -10.39
N GLN A 578 15.50 -18.62 -10.95
CA GLN A 578 16.75 -17.92 -11.21
C GLN A 578 16.90 -16.71 -10.29
N THR A 579 18.14 -16.47 -9.86
CA THR A 579 18.46 -15.32 -9.03
C THR A 579 18.79 -14.12 -9.92
N TYR A 580 18.13 -12.99 -9.62
CA TYR A 580 18.36 -11.72 -10.29
C TYR A 580 18.87 -10.76 -9.24
N SER A 581 19.84 -9.94 -9.61
CA SER A 581 20.41 -8.95 -8.70
C SER A 581 20.08 -7.55 -9.16
N ARG A 582 19.69 -6.72 -8.19
CA ARG A 582 19.37 -5.32 -8.41
C ARG A 582 20.59 -4.44 -8.14
N THR A 583 20.61 -3.26 -8.76
CA THR A 583 21.59 -2.24 -8.44
C THR A 583 20.81 -1.06 -7.82
N ILE A 584 20.86 -0.99 -6.50
CA ILE A 584 20.19 0.02 -5.70
C ILE A 584 21.25 0.89 -5.00
N GLU A 585 21.62 1.98 -5.66
CA GLU A 585 22.52 2.99 -5.14
C GLU A 585 21.91 3.80 -4.00
N ALA A 586 22.77 4.45 -3.22
CA ALA A 586 22.34 5.28 -2.10
C ALA A 586 21.44 6.44 -2.53
N PHE A 587 21.68 7.00 -3.71
CA PHE A 587 20.87 8.11 -4.20
C PHE A 587 19.47 7.66 -4.62
N HIS A 588 19.27 6.35 -4.78
CA HIS A 588 17.96 5.79 -5.11
C HIS A 588 16.98 5.87 -3.95
N TYR A 589 17.51 6.12 -2.74
CA TYR A 589 16.72 6.26 -1.50
C TYR A 589 15.90 7.55 -1.48
N LEU A 590 16.12 8.40 -2.47
CA LEU A 590 15.21 9.48 -2.80
C LEU A 590 14.79 9.31 -4.25
N ARG A 591 13.48 9.48 -4.49
CA ARG A 591 12.93 9.46 -5.85
C ARG A 591 13.27 10.76 -6.58
N PRO A 592 13.34 10.71 -7.93
CA PRO A 592 13.58 11.95 -8.67
C PRO A 592 12.43 12.93 -8.52
N ILE A 593 12.76 14.21 -8.45
CA ILE A 593 11.76 15.24 -8.68
C ILE A 593 11.31 14.98 -10.11
N PRO A 594 9.99 15.01 -10.38
CA PRO A 594 9.52 14.74 -11.73
C PRO A 594 9.95 15.82 -12.70
N GLN A 595 10.39 15.40 -13.88
CA GLN A 595 10.89 16.32 -14.89
C GLN A 595 9.88 17.40 -15.26
N GLY A 596 8.59 17.06 -15.23
CA GLY A 596 7.53 18.00 -15.51
C GLY A 596 7.57 19.25 -14.65
N GLN A 597 7.83 19.08 -13.36
CA GLN A 597 7.98 20.20 -12.42
C GLN A 597 9.13 21.12 -12.84
N LEU A 598 10.28 20.52 -13.16
CA LEU A 598 11.45 21.28 -13.57
C LEU A 598 11.19 22.07 -14.84
N ASP A 599 10.57 21.42 -15.82
CA ASP A 599 10.26 22.05 -17.11
C ASP A 599 9.30 23.23 -16.96
N GLY A 600 8.36 23.10 -16.02
CA GLY A 600 7.40 24.15 -15.72
C GLY A 600 7.93 25.44 -15.07
N MET A 601 9.18 25.41 -14.60
CA MET A 601 9.74 26.55 -13.86
C MET A 601 10.61 27.45 -14.72
N GLU A 602 10.56 28.76 -14.44
CA GLU A 602 11.47 29.74 -15.04
C GLU A 602 12.75 29.79 -14.21
N MET A 603 13.68 28.90 -14.57
CA MET A 603 14.98 28.79 -13.91
C MET A 603 16.07 28.53 -14.95
N THR A 604 17.31 28.78 -14.56
CA THR A 604 18.47 28.42 -15.36
C THR A 604 18.68 26.92 -15.21
N GLU A 605 19.37 26.31 -16.17
CA GLU A 605 19.70 24.87 -16.09
C GLU A 605 20.48 24.55 -14.81
N GLU A 606 21.25 25.54 -14.35
CA GLU A 606 21.99 25.44 -13.09
C GLU A 606 21.06 25.35 -11.87
N GLU A 607 20.05 26.21 -11.83
CA GLU A 607 19.04 26.21 -10.77
C GLU A 607 18.18 24.95 -10.80
N LYS A 608 17.95 24.41 -12.00
CA LYS A 608 17.19 23.18 -12.17
C LYS A 608 17.98 21.97 -11.72
N ASP A 609 19.24 21.91 -12.10
CA ASP A 609 20.17 20.89 -11.60
C ASP A 609 20.17 20.85 -10.06
N ALA A 610 20.19 22.03 -9.44
CA ALA A 610 20.20 22.17 -7.98
C ALA A 610 18.87 21.77 -7.34
N TYR A 611 17.78 21.96 -8.07
CA TYR A 611 16.44 21.57 -7.59
C TYR A 611 16.26 20.06 -7.60
N GLN A 612 16.85 19.41 -8.61
CA GLN A 612 16.78 17.97 -8.78
C GLN A 612 17.67 17.25 -7.78
N ASN A 613 17.22 16.08 -7.31
CA ASN A 613 17.99 15.24 -6.39
C ASN A 613 19.20 14.64 -7.08
N PRO A 614 20.30 14.41 -6.35
CA PRO A 614 21.47 13.76 -6.93
C PRO A 614 21.18 12.40 -7.53
N GLY A 615 21.79 12.16 -8.70
CA GLY A 615 21.75 10.88 -9.41
C GLY A 615 20.86 10.91 -10.64
N TYR A 616 20.01 11.93 -10.72
CA TYR A 616 18.97 12.06 -11.73
C TYR A 616 19.14 13.33 -12.55
N ARG A 617 20.33 13.93 -12.51
CA ARG A 617 20.55 15.26 -13.10
C ARG A 617 20.98 15.24 -14.56
N ASP A 618 21.42 14.08 -15.05
CA ASP A 618 21.83 13.91 -16.45
C ASP A 618 20.69 13.42 -17.34
C1 GOL B . -6.44 -7.95 -20.56
O1 GOL B . -7.17 -7.21 -19.57
C2 GOL B . -5.35 -7.10 -21.22
O2 GOL B . -5.96 -5.96 -21.85
C3 GOL B . -4.31 -6.66 -20.18
O3 GOL B . -3.21 -5.96 -20.76
#